data_3KBA
#
_entry.id   3KBA
#
_cell.length_a   57.394
_cell.length_b   64.349
_cell.length_c   70.420
_cell.angle_alpha   90.000
_cell.angle_beta   96.530
_cell.angle_gamma   90.000
#
_symmetry.space_group_name_H-M   'P 1 21 1'
#
loop_
_entity.id
_entity.type
_entity.pdbx_description
1 polymer 'Progesterone receptor'
2 non-polymer 2-chloro-4-{(2-methylbenzyl)[(3S)-1-(methylsulfonyl)pyrrolidin-3-yl]amino}benzonitrile
3 non-polymer 'SULFATE ION'
4 water water
#
_entity_poly.entity_id   1
_entity_poly.type   'polypeptide(L)'
_entity_poly.pdbx_seq_one_letter_code
;IQLIPPLINLLMSIEPDVIYAGHDNTKPDTSSSLLTSLNQLGERQLLSVVKWSKSLPGFRNLHIDDQITLIQYSWMSLMV
FGLGWRSYKHVSGQMLYFAPDLILNEQRMKESSFYSLCLTMWQIPQEFVKLQVSQEEFLCMKVLLLLNTIPLEGLRSQTQ
FEEMRSSYIRELIKAIGLRQKGVVSSSQRFYQLTKLLDNLHDLVKQLHLYCLNTFIQSRALSVEFPEMMSEVIAAQLPKI
LAGMVKPLLFHKK
;
_entity_poly.pdbx_strand_id   A,B
#
# COMPACT_ATOMS: atom_id res chain seq x y z
N GLN A 2 0.79 -24.02 -42.77
CA GLN A 2 0.79 -23.58 -41.35
C GLN A 2 0.46 -22.09 -41.24
N LEU A 3 -0.83 -21.78 -41.38
CA LEU A 3 -1.30 -20.38 -41.27
C LEU A 3 -1.02 -19.80 -39.89
N ILE A 4 -1.20 -20.61 -38.84
CA ILE A 4 -0.92 -20.19 -37.47
C ILE A 4 0.59 -20.14 -37.22
N PRO A 5 1.13 -18.96 -36.84
CA PRO A 5 2.57 -18.82 -36.58
C PRO A 5 3.10 -19.79 -35.51
N PRO A 6 4.34 -20.31 -35.71
CA PRO A 6 4.93 -21.34 -34.85
C PRO A 6 4.89 -21.04 -33.34
N LEU A 7 5.21 -19.81 -32.96
CA LEU A 7 5.25 -19.43 -31.54
C LEU A 7 3.85 -19.41 -30.92
N ILE A 8 2.85 -18.96 -31.67
CA ILE A 8 1.45 -18.98 -31.20
C ILE A 8 0.98 -20.42 -30.99
N ASN A 9 1.34 -21.30 -31.94
CA ASN A 9 1.04 -22.73 -31.82
C ASN A 9 1.69 -23.36 -30.58
N LEU A 10 2.92 -22.96 -30.29
CA LEU A 10 3.63 -23.43 -29.10
C LEU A 10 2.91 -22.97 -27.84
N LEU A 11 2.54 -21.69 -27.79
CA LEU A 11 1.79 -21.13 -26.67
C LEU A 11 0.47 -21.87 -26.45
N MET A 12 -0.21 -22.25 -27.55
CA MET A 12 -1.42 -23.07 -27.45
C MET A 12 -1.15 -24.40 -26.74
N SER A 13 -0.05 -25.06 -27.11
CA SER A 13 0.27 -26.39 -26.58
C SER A 13 0.72 -26.38 -25.12
N ILE A 14 1.34 -25.29 -24.69
CA ILE A 14 1.81 -25.19 -23.29
C ILE A 14 0.75 -24.60 -22.34
N GLU A 15 -0.41 -24.23 -22.88
CA GLU A 15 -1.51 -23.73 -22.03
C GLU A 15 -1.89 -24.74 -20.95
N PRO A 16 -2.19 -24.25 -19.73
CA PRO A 16 -2.61 -25.15 -18.66
C PRO A 16 -3.85 -25.97 -19.00
N ASP A 17 -3.94 -27.16 -18.42
CA ASP A 17 -5.16 -27.95 -18.49
C ASP A 17 -6.17 -27.33 -17.52
N VAL A 18 -7.41 -27.79 -17.58
CA VAL A 18 -8.47 -27.31 -16.68
C VAL A 18 -8.02 -27.40 -15.23
N ILE A 19 -8.29 -26.35 -14.46
CA ILE A 19 -7.96 -26.32 -13.04
C ILE A 19 -9.23 -26.18 -12.20
N TYR A 20 -9.47 -27.17 -11.34
CA TYR A 20 -10.62 -27.15 -10.45
C TYR A 20 -10.27 -26.42 -9.15
N ALA A 21 -11.25 -25.75 -8.56
CA ALA A 21 -11.07 -25.10 -7.27
C ALA A 21 -11.07 -26.12 -6.12
N GLY A 22 -11.76 -27.25 -6.33
CA GLY A 22 -11.98 -28.23 -5.27
C GLY A 22 -13.20 -27.89 -4.45
N HIS A 23 -14.10 -27.09 -5.02
CA HIS A 23 -15.32 -26.66 -4.35
C HIS A 23 -16.39 -27.76 -4.42
N ASP A 29 -22.52 -22.81 1.63
CA ASP A 29 -21.76 -21.87 0.80
C ASP A 29 -21.78 -20.46 1.40
N THR A 30 -20.79 -20.14 2.23
CA THR A 30 -20.67 -18.84 2.88
C THR A 30 -19.55 -18.00 2.28
N SER A 31 -19.35 -16.79 2.81
CA SER A 31 -18.26 -15.91 2.38
C SER A 31 -16.88 -16.50 2.64
N SER A 32 -16.69 -17.01 3.85
CA SER A 32 -15.39 -17.59 4.24
C SER A 32 -15.06 -18.86 3.44
N SER A 33 -16.07 -19.69 3.18
CA SER A 33 -15.90 -20.91 2.40
C SER A 33 -15.66 -20.61 0.92
N LEU A 34 -16.38 -19.62 0.40
CA LEU A 34 -16.19 -19.15 -0.97
C LEU A 34 -14.79 -18.57 -1.15
N LEU A 35 -14.39 -17.71 -0.22
CA LEU A 35 -13.04 -17.12 -0.24
C LEU A 35 -11.95 -18.18 -0.06
N THR A 36 -12.19 -19.15 0.81
CA THR A 36 -11.25 -20.26 1.00
C THR A 36 -11.11 -21.11 -0.27
N SER A 37 -12.22 -21.35 -0.97
CA SER A 37 -12.21 -22.10 -2.24
C SER A 37 -11.49 -21.32 -3.33
N LEU A 38 -11.69 -20.00 -3.37
CA LEU A 38 -10.96 -19.13 -4.29
C LEU A 38 -9.46 -19.09 -3.96
N ASN A 39 -9.12 -19.14 -2.68
CA ASN A 39 -7.72 -19.23 -2.27
C ASN A 39 -7.09 -20.57 -2.67
N GLN A 40 -7.89 -21.64 -2.59
CA GLN A 40 -7.46 -22.97 -3.00
C GLN A 40 -7.26 -23.05 -4.51
N LEU A 41 -8.12 -22.36 -5.26
CA LEU A 41 -7.95 -22.19 -6.70
C LEU A 41 -6.70 -21.35 -7.00
N GLY A 42 -6.48 -20.30 -6.20
CA GLY A 42 -5.32 -19.42 -6.38
C GLY A 42 -3.99 -20.12 -6.18
N GLU A 43 -3.95 -21.06 -5.23
CA GLU A 43 -2.79 -21.90 -4.99
C GLU A 43 -2.48 -22.76 -6.22
N ARG A 44 -3.51 -23.36 -6.79
CA ARG A 44 -3.37 -24.23 -7.95
C ARG A 44 -3.06 -23.46 -9.23
N GLN A 45 -3.64 -22.27 -9.36
CA GLN A 45 -3.32 -21.37 -10.46
C GLN A 45 -1.86 -20.91 -10.42
N LEU A 46 -1.38 -20.59 -9.23
CA LEU A 46 0.03 -20.16 -9.06
C LEU A 46 0.99 -21.27 -9.48
N LEU A 47 0.73 -22.50 -9.02
CA LEU A 47 1.51 -23.67 -9.43
C LEU A 47 1.51 -23.84 -10.95
N SER A 48 0.34 -23.69 -11.56
N SER A 48 0.33 -23.71 -11.55
CA SER A 48 0.20 -23.87 -13.02
CA SER A 48 0.16 -23.85 -12.99
C SER A 48 0.97 -22.81 -13.80
C SER A 48 0.97 -22.81 -13.78
N VAL A 49 0.96 -21.57 -13.30
CA VAL A 49 1.72 -20.48 -13.93
C VAL A 49 3.23 -20.72 -13.88
N VAL A 50 3.73 -21.20 -12.74
CA VAL A 50 5.16 -21.49 -12.60
C VAL A 50 5.58 -22.58 -13.58
N LYS A 51 4.77 -23.65 -13.66
CA LYS A 51 5.00 -24.74 -14.59
C LYS A 51 4.96 -24.28 -16.05
N TRP A 52 3.92 -23.50 -16.37
CA TRP A 52 3.77 -22.85 -17.68
C TRP A 52 5.02 -22.04 -18.06
N SER A 53 5.54 -21.28 -17.09
CA SER A 53 6.68 -20.39 -17.31
C SER A 53 7.94 -21.17 -17.70
N LYS A 54 8.05 -22.42 -17.23
CA LYS A 54 9.18 -23.29 -17.55
C LYS A 54 9.27 -23.64 -19.03
N SER A 55 8.12 -23.68 -19.72
CA SER A 55 8.05 -23.98 -21.16
C SER A 55 7.86 -22.73 -22.04
N LEU A 56 7.60 -21.58 -21.41
CA LEU A 56 7.39 -20.33 -22.14
C LEU A 56 8.70 -19.89 -22.79
N PRO A 57 8.74 -19.86 -24.15
CA PRO A 57 9.98 -19.51 -24.83
C PRO A 57 10.57 -18.16 -24.40
N GLY A 58 11.86 -18.18 -24.03
CA GLY A 58 12.58 -16.99 -23.59
C GLY A 58 12.65 -16.79 -22.08
N PHE A 59 11.68 -17.32 -21.34
CA PHE A 59 11.52 -16.98 -19.92
C PHE A 59 12.59 -17.61 -19.04
N ARG A 60 12.88 -18.89 -19.25
CA ARG A 60 13.92 -19.62 -18.50
C ARG A 60 15.34 -19.06 -18.68
N ASN A 61 15.54 -18.22 -19.69
CA ASN A 61 16.85 -17.63 -19.97
C ASN A 61 17.10 -16.33 -19.21
N LEU A 62 16.04 -15.81 -18.58
CA LEU A 62 16.17 -14.72 -17.63
C LEU A 62 16.76 -15.26 -16.34
N HIS A 63 17.47 -14.39 -15.62
CA HIS A 63 17.98 -14.71 -14.29
C HIS A 63 16.86 -15.25 -13.43
N ILE A 64 17.15 -16.25 -12.59
CA ILE A 64 16.11 -16.92 -11.79
C ILE A 64 15.39 -15.96 -10.84
N ASP A 65 16.12 -14.97 -10.32
CA ASP A 65 15.55 -13.91 -9.50
C ASP A 65 14.46 -13.14 -10.24
N ASP A 66 14.72 -12.85 -11.51
CA ASP A 66 13.77 -12.12 -12.34
C ASP A 66 12.54 -12.97 -12.66
N GLN A 67 12.75 -14.26 -12.90
CA GLN A 67 11.65 -15.19 -13.14
C GLN A 67 10.68 -15.20 -11.96
N ILE A 68 11.23 -15.39 -10.76
CA ILE A 68 10.44 -15.39 -9.53
C ILE A 68 9.72 -14.06 -9.32
N THR A 69 10.47 -12.96 -9.45
CA THR A 69 9.91 -11.61 -9.34
C THR A 69 8.76 -11.37 -10.30
N LEU A 70 8.93 -11.80 -11.55
CA LEU A 70 7.92 -11.55 -12.57
C LEU A 70 6.65 -12.38 -12.32
N ILE A 71 6.82 -13.64 -11.92
CA ILE A 71 5.70 -14.51 -11.59
C ILE A 71 4.91 -13.96 -10.38
N GLN A 72 5.63 -13.46 -9.38
CA GLN A 72 4.98 -12.93 -8.19
C GLN A 72 4.26 -11.62 -8.48
N TYR A 73 4.94 -10.71 -9.19
CA TYR A 73 4.35 -9.44 -9.64
C TYR A 73 3.06 -9.64 -10.43
N SER A 74 3.02 -10.66 -11.27
CA SER A 74 1.92 -10.84 -12.24
C SER A 74 0.90 -11.90 -11.82
N TRP A 75 1.04 -12.45 -10.61
CA TRP A 75 0.18 -13.53 -10.14
C TRP A 75 -1.32 -13.19 -10.24
N MET A 76 -1.72 -12.11 -9.60
CA MET A 76 -3.12 -11.66 -9.62
C MET A 76 -3.59 -11.31 -11.03
N SER A 77 -2.78 -10.55 -11.76
N SER A 77 -2.78 -10.55 -11.77
CA SER A 77 -3.11 -10.11 -13.12
CA SER A 77 -3.15 -10.10 -13.12
C SER A 77 -3.37 -11.29 -14.06
C SER A 77 -3.37 -11.28 -14.08
N LEU A 78 -2.53 -12.31 -13.98
CA LEU A 78 -2.67 -13.50 -14.84
C LEU A 78 -3.90 -14.33 -14.47
N MET A 79 -4.23 -14.38 -13.18
CA MET A 79 -5.43 -15.09 -12.73
C MET A 79 -6.70 -14.42 -13.26
N VAL A 80 -6.81 -13.11 -13.07
CA VAL A 80 -7.98 -12.35 -13.52
C VAL A 80 -8.10 -12.29 -15.03
N PHE A 81 -6.98 -12.28 -15.73
CA PHE A 81 -6.97 -12.32 -17.21
C PHE A 81 -7.46 -13.68 -17.72
N GLY A 82 -7.02 -14.74 -17.04
CA GLY A 82 -7.49 -16.10 -17.33
C GLY A 82 -8.96 -16.28 -17.02
N LEU A 83 -9.41 -15.70 -15.90
CA LEU A 83 -10.82 -15.64 -15.56
C LEU A 83 -11.63 -14.97 -16.66
N GLY A 84 -11.07 -13.90 -17.23
CA GLY A 84 -11.71 -13.20 -18.34
C GLY A 84 -11.91 -14.09 -19.56
N TRP A 85 -10.89 -14.88 -19.87
CA TRP A 85 -10.96 -15.79 -21.02
C TRP A 85 -12.00 -16.88 -20.83
N ARG A 86 -11.94 -17.56 -19.68
CA ARG A 86 -12.85 -18.67 -19.40
C ARG A 86 -14.31 -18.22 -19.33
N SER A 87 -14.55 -17.08 -18.70
CA SER A 87 -15.89 -16.49 -18.64
C SER A 87 -16.42 -16.17 -20.03
N TYR A 88 -15.58 -15.51 -20.82
CA TYR A 88 -15.83 -15.22 -22.23
C TYR A 88 -16.13 -16.51 -23.02
N LYS A 89 -15.23 -17.48 -22.92
CA LYS A 89 -15.36 -18.73 -23.67
C LYS A 89 -16.55 -19.61 -23.27
N HIS A 90 -16.79 -19.77 -21.97
CA HIS A 90 -17.74 -20.78 -21.47
C HIS A 90 -19.13 -20.25 -21.18
N VAL A 91 -19.23 -18.97 -20.81
CA VAL A 91 -20.50 -18.38 -20.37
C VAL A 91 -20.77 -17.02 -21.04
N SER A 92 -20.16 -16.80 -22.21
CA SER A 92 -20.33 -15.57 -22.98
C SER A 92 -20.11 -14.29 -22.16
N GLY A 93 -19.23 -14.39 -21.16
CA GLY A 93 -18.92 -13.27 -20.27
C GLY A 93 -20.02 -12.85 -19.32
N GLN A 94 -21.08 -13.65 -19.20
CA GLN A 94 -22.25 -13.29 -18.38
C GLN A 94 -22.25 -13.99 -17.01
N MET A 95 -21.18 -14.72 -16.72
CA MET A 95 -20.87 -15.24 -15.39
C MET A 95 -19.37 -15.24 -15.19
N LEU A 96 -18.93 -15.34 -13.94
CA LEU A 96 -17.49 -15.43 -13.63
C LEU A 96 -17.10 -16.91 -13.51
N TYR A 97 -16.43 -17.41 -14.53
CA TYR A 97 -16.03 -18.82 -14.62
C TYR A 97 -14.64 -18.98 -14.02
N PHE A 98 -14.58 -19.02 -12.69
CA PHE A 98 -13.30 -19.19 -11.98
C PHE A 98 -12.75 -20.59 -12.24
N ALA A 99 -13.63 -21.59 -12.16
CA ALA A 99 -13.29 -22.96 -12.46
C ALA A 99 -14.57 -23.68 -12.86
N PRO A 100 -14.44 -24.88 -13.47
CA PRO A 100 -15.65 -25.67 -13.77
C PRO A 100 -16.51 -25.95 -12.54
N ASP A 101 -15.88 -26.08 -11.38
CA ASP A 101 -16.60 -26.30 -10.11
C ASP A 101 -16.83 -25.02 -9.29
N LEU A 102 -16.58 -23.86 -9.89
CA LEU A 102 -16.80 -22.58 -9.22
C LEU A 102 -17.13 -21.49 -10.25
N ILE A 103 -18.41 -21.41 -10.61
CA ILE A 103 -18.92 -20.39 -11.53
C ILE A 103 -19.86 -19.47 -10.76
N LEU A 104 -19.59 -18.18 -10.74
CA LEU A 104 -20.39 -17.22 -9.96
C LEU A 104 -21.23 -16.29 -10.84
N ASN A 105 -22.51 -16.20 -10.50
CA ASN A 105 -23.41 -15.18 -11.03
C ASN A 105 -23.70 -14.16 -9.91
N GLU A 106 -24.56 -13.19 -10.18
CA GLU A 106 -24.88 -12.13 -9.21
C GLU A 106 -25.37 -12.68 -7.86
N GLN A 107 -26.28 -13.65 -7.95
CA GLN A 107 -26.87 -14.33 -6.79
C GLN A 107 -25.86 -14.83 -5.74
N ARG A 108 -24.70 -15.28 -6.20
CA ARG A 108 -23.66 -15.82 -5.32
C ARG A 108 -22.64 -14.76 -4.86
N MET A 109 -22.99 -13.48 -5.07
CA MET A 109 -22.17 -12.35 -4.61
C MET A 109 -23.05 -11.45 -3.77
N LYS A 110 -22.65 -11.19 -2.53
CA LYS A 110 -23.54 -10.56 -1.56
C LYS A 110 -22.95 -9.32 -0.87
N GLU A 111 -21.66 -9.34 -0.57
CA GLU A 111 -21.00 -8.23 0.15
C GLU A 111 -20.84 -6.98 -0.72
N PHE A 114 -16.83 -7.46 -1.77
CA PHE A 114 -16.58 -8.68 -2.54
C PHE A 114 -17.34 -8.67 -3.86
N TYR A 115 -18.64 -8.38 -3.81
CA TYR A 115 -19.45 -8.19 -5.01
C TYR A 115 -18.90 -7.02 -5.84
N SER A 116 -18.43 -6.00 -5.15
CA SER A 116 -17.93 -4.86 -5.86
C SER A 116 -16.68 -5.19 -6.65
N LEU A 117 -15.78 -5.97 -6.06
CA LEU A 117 -14.58 -6.42 -6.75
C LEU A 117 -14.92 -7.39 -7.88
N CYS A 118 -15.90 -8.27 -7.66
CA CYS A 118 -16.37 -9.17 -8.70
C CYS A 118 -16.88 -8.40 -9.92
N LEU A 119 -17.59 -7.31 -9.67
CA LEU A 119 -18.07 -6.43 -10.75
C LEU A 119 -16.94 -5.78 -11.55
N THR A 120 -15.84 -5.43 -10.89
CA THR A 120 -14.70 -4.81 -11.57
C THR A 120 -13.89 -5.86 -12.35
N MET A 121 -13.75 -7.05 -11.77
CA MET A 121 -13.16 -8.19 -12.49
C MET A 121 -13.99 -8.55 -13.72
N TRP A 122 -15.31 -8.39 -13.59
CA TRP A 122 -16.27 -8.69 -14.65
C TRP A 122 -16.07 -7.82 -15.90
N GLN A 123 -15.40 -6.68 -15.74
CA GLN A 123 -15.14 -5.77 -16.87
C GLN A 123 -14.26 -6.40 -17.95
N ILE A 124 -13.41 -7.35 -17.55
CA ILE A 124 -12.47 -7.99 -18.47
C ILE A 124 -13.18 -8.91 -19.48
N PRO A 125 -13.94 -9.92 -19.00
CA PRO A 125 -14.72 -10.72 -19.98
C PRO A 125 -15.67 -9.91 -20.87
N GLN A 126 -16.21 -8.81 -20.35
N GLN A 126 -16.21 -8.81 -20.36
CA GLN A 126 -17.06 -7.91 -21.13
CA GLN A 126 -17.07 -7.95 -21.17
C GLN A 126 -16.30 -7.26 -22.28
C GLN A 126 -16.30 -7.26 -22.30
N GLU A 127 -15.05 -6.86 -22.01
CA GLU A 127 -14.17 -6.31 -23.06
C GLU A 127 -13.74 -7.37 -24.08
N PHE A 128 -13.52 -8.59 -23.61
N PHE A 128 -13.51 -8.59 -23.61
CA PHE A 128 -13.24 -9.73 -24.50
CA PHE A 128 -13.23 -9.73 -24.50
C PHE A 128 -14.39 -9.94 -25.48
C PHE A 128 -14.40 -9.95 -25.48
N VAL A 129 -15.61 -9.92 -24.95
CA VAL A 129 -16.83 -10.04 -25.77
C VAL A 129 -16.99 -8.87 -26.73
N LYS A 130 -16.75 -7.66 -26.23
CA LYS A 130 -16.86 -6.43 -27.03
C LYS A 130 -15.86 -6.40 -28.18
N LEU A 131 -14.61 -6.77 -27.89
CA LEU A 131 -13.53 -6.76 -28.87
C LEU A 131 -13.45 -8.05 -29.70
N GLN A 132 -14.14 -9.10 -29.25
CA GLN A 132 -14.05 -10.42 -29.87
C GLN A 132 -12.59 -10.88 -29.95
N VAL A 133 -11.93 -10.91 -28.81
CA VAL A 133 -10.52 -11.31 -28.73
C VAL A 133 -10.39 -12.76 -29.17
N SER A 134 -9.42 -13.03 -30.05
CA SER A 134 -9.13 -14.37 -30.51
C SER A 134 -8.19 -15.06 -29.54
N GLN A 135 -8.16 -16.39 -29.57
CA GLN A 135 -7.26 -17.13 -28.69
C GLN A 135 -5.79 -16.77 -28.97
N GLU A 136 -5.47 -16.54 -30.24
CA GLU A 136 -4.10 -16.19 -30.64
C GLU A 136 -3.66 -14.85 -30.05
N GLU A 137 -4.56 -13.86 -30.04
CA GLU A 137 -4.29 -12.58 -29.40
C GLU A 137 -4.17 -12.71 -27.89
N PHE A 138 -5.07 -13.48 -27.28
CA PHE A 138 -5.08 -13.71 -25.84
C PHE A 138 -3.77 -14.30 -25.32
N LEU A 139 -3.22 -15.26 -26.07
CA LEU A 139 -2.02 -15.99 -25.64
C LEU A 139 -0.77 -15.09 -25.66
N CYS A 140 -0.68 -14.21 -26.65
CA CYS A 140 0.40 -13.21 -26.71
C CYS A 140 0.22 -12.13 -25.63
N MET A 141 -1.02 -11.68 -25.46
CA MET A 141 -1.34 -10.69 -24.42
C MET A 141 -1.04 -11.22 -23.02
N LYS A 142 -1.29 -12.51 -22.80
CA LYS A 142 -1.00 -13.15 -21.51
C LYS A 142 0.49 -13.11 -21.17
N VAL A 143 1.34 -13.39 -22.17
CA VAL A 143 2.79 -13.31 -21.98
C VAL A 143 3.22 -11.87 -21.69
N LEU A 144 2.63 -10.90 -22.40
CA LEU A 144 2.94 -9.49 -22.14
C LEU A 144 2.51 -9.06 -20.73
N LEU A 145 1.41 -9.61 -20.26
CA LEU A 145 0.94 -9.37 -18.89
C LEU A 145 1.94 -9.88 -17.84
N LEU A 146 2.53 -11.06 -18.09
CA LEU A 146 3.61 -11.59 -17.24
C LEU A 146 4.83 -10.66 -17.20
N LEU A 147 5.07 -9.96 -18.30
CA LEU A 147 6.22 -9.07 -18.44
C LEU A 147 5.86 -7.58 -18.32
N ASN A 148 4.77 -7.26 -17.61
CA ASN A 148 4.23 -5.90 -17.62
C ASN A 148 4.62 -5.03 -16.41
N THR A 149 5.38 -5.58 -15.48
CA THR A 149 5.90 -4.83 -14.33
C THR A 149 7.32 -5.28 -14.01
N ILE A 150 8.17 -4.33 -13.67
CA ILE A 150 9.55 -4.62 -13.28
C ILE A 150 9.88 -3.85 -12.01
N PRO A 151 10.96 -4.24 -11.30
CA PRO A 151 11.37 -3.47 -10.12
C PRO A 151 11.81 -2.06 -10.50
N LEU A 152 11.81 -1.15 -9.53
CA LEU A 152 12.22 0.24 -9.79
C LEU A 152 13.66 0.30 -10.32
N GLU A 153 14.52 -0.57 -9.82
CA GLU A 153 15.91 -0.64 -10.28
C GLU A 153 16.09 -1.51 -11.53
N GLY A 154 14.99 -2.00 -12.11
CA GLY A 154 15.04 -2.86 -13.27
C GLY A 154 15.35 -4.30 -12.90
N LEU A 155 15.44 -5.15 -13.92
CA LEU A 155 15.76 -6.56 -13.74
C LEU A 155 17.25 -6.77 -13.93
N ARG A 156 17.78 -7.85 -13.36
CA ARG A 156 19.16 -8.28 -13.59
C ARG A 156 19.35 -8.58 -15.08
N SER A 157 18.39 -9.31 -15.65
CA SER A 157 18.41 -9.67 -17.06
C SER A 157 17.55 -8.70 -17.87
N GLN A 158 17.86 -7.41 -17.78
CA GLN A 158 17.06 -6.37 -18.44
C GLN A 158 17.14 -6.47 -19.96
N THR A 159 18.34 -6.63 -20.51
CA THR A 159 18.50 -6.75 -21.96
C THR A 159 17.70 -7.93 -22.52
N GLN A 160 17.77 -9.07 -21.84
CA GLN A 160 17.02 -10.27 -22.23
C GLN A 160 15.52 -10.05 -22.12
N PHE A 161 15.12 -9.38 -21.05
CA PHE A 161 13.72 -9.05 -20.80
C PHE A 161 13.13 -8.17 -21.90
N GLU A 162 13.86 -7.13 -22.30
CA GLU A 162 13.39 -6.22 -23.34
C GLU A 162 13.20 -6.95 -24.67
N GLU A 163 14.19 -7.76 -25.03
CA GLU A 163 14.15 -8.55 -26.28
C GLU A 163 12.95 -9.49 -26.33
N MET A 164 12.68 -10.14 -25.19
CA MET A 164 11.54 -11.05 -25.06
C MET A 164 10.21 -10.29 -25.21
N ARG A 165 10.08 -9.17 -24.51
CA ARG A 165 8.88 -8.33 -24.64
C ARG A 165 8.62 -7.94 -26.08
N SER A 166 9.66 -7.46 -26.76
CA SER A 166 9.58 -7.08 -28.17
C SER A 166 9.15 -8.25 -29.06
N SER A 167 9.67 -9.44 -28.78
N SER A 167 9.67 -9.43 -28.78
CA SER A 167 9.32 -10.64 -29.53
CA SER A 167 9.31 -10.63 -29.55
C SER A 167 7.83 -10.96 -29.44
C SER A 167 7.83 -10.95 -29.43
N TYR A 168 7.29 -10.86 -28.23
CA TYR A 168 5.85 -11.13 -27.99
C TYR A 168 4.94 -9.96 -28.40
N ILE A 169 5.47 -8.75 -28.45
CA ILE A 169 4.75 -7.62 -29.05
C ILE A 169 4.62 -7.88 -30.55
N ARG A 170 5.74 -8.24 -31.19
CA ARG A 170 5.74 -8.61 -32.61
C ARG A 170 4.83 -9.79 -32.89
N GLU A 171 4.74 -10.73 -31.95
CA GLU A 171 3.87 -11.90 -32.11
C GLU A 171 2.40 -11.51 -31.97
N LEU A 172 2.10 -10.57 -31.07
CA LEU A 172 0.74 -10.04 -30.93
C LEU A 172 0.29 -9.38 -32.22
N ILE A 173 1.20 -8.66 -32.87
CA ILE A 173 0.91 -8.02 -34.14
C ILE A 173 0.63 -9.06 -35.22
N LYS A 174 1.39 -10.15 -35.22
CA LYS A 174 1.10 -11.29 -36.10
C LYS A 174 -0.28 -11.86 -35.79
N ALA A 175 -0.59 -12.01 -34.50
CA ALA A 175 -1.90 -12.54 -34.06
C ALA A 175 -3.06 -11.70 -34.59
N ILE A 176 -2.93 -10.38 -34.48
CA ILE A 176 -3.92 -9.44 -34.98
C ILE A 176 -4.05 -9.55 -36.50
N GLY A 177 -2.92 -9.71 -37.17
CA GLY A 177 -2.87 -9.84 -38.63
C GLY A 177 -3.58 -11.06 -39.19
N LEU A 178 -3.76 -12.09 -38.37
CA LEU A 178 -4.47 -13.31 -38.80
C LEU A 178 -5.90 -13.01 -39.25
N ARG A 179 -6.55 -12.05 -38.60
CA ARG A 179 -7.91 -11.64 -38.92
C ARG A 179 -7.95 -10.14 -39.18
N LYS A 181 -6.50 -7.97 -41.44
CA LYS A 181 -6.49 -7.28 -42.72
C LYS A 181 -6.61 -5.78 -42.53
N GLY A 182 -5.80 -5.01 -43.26
CA GLY A 182 -5.87 -3.55 -43.28
C GLY A 182 -4.94 -2.90 -42.27
N VAL A 183 -4.07 -2.00 -42.77
CA VAL A 183 -3.07 -1.33 -41.93
C VAL A 183 -3.70 -0.45 -40.85
N VAL A 184 -4.76 0.28 -41.19
CA VAL A 184 -5.44 1.17 -40.26
C VAL A 184 -6.17 0.37 -39.18
N SER A 185 -6.98 -0.60 -39.60
CA SER A 185 -7.76 -1.43 -38.67
C SER A 185 -6.87 -2.25 -37.73
N SER A 186 -5.84 -2.88 -38.28
CA SER A 186 -4.91 -3.69 -37.47
C SER A 186 -4.09 -2.82 -36.52
N SER A 187 -3.79 -1.59 -36.92
CA SER A 187 -3.13 -0.62 -36.05
C SER A 187 -4.07 -0.15 -34.94
N GLN A 188 -5.34 0.08 -35.29
CA GLN A 188 -6.37 0.44 -34.31
C GLN A 188 -6.60 -0.70 -33.30
N ARG A 189 -6.57 -1.95 -33.77
CA ARG A 189 -6.78 -3.10 -32.90
C ARG A 189 -5.61 -3.32 -31.94
N PHE A 190 -4.40 -3.01 -32.39
CA PHE A 190 -3.23 -3.06 -31.52
C PHE A 190 -3.38 -2.08 -30.37
N TYR A 191 -3.84 -0.86 -30.66
CA TYR A 191 -4.08 0.14 -29.62
C TYR A 191 -5.09 -0.38 -28.58
N GLN A 192 -6.21 -0.92 -29.07
CA GLN A 192 -7.29 -1.40 -28.20
C GLN A 192 -6.82 -2.50 -27.24
N LEU A 193 -6.09 -3.49 -27.77
CA LEU A 193 -5.66 -4.63 -26.96
C LEU A 193 -4.56 -4.25 -25.98
N THR A 194 -3.68 -3.35 -26.38
CA THR A 194 -2.60 -2.88 -25.50
C THR A 194 -3.11 -1.87 -24.46
N LYS A 195 -4.15 -1.12 -24.80
CA LYS A 195 -4.81 -0.24 -23.83
C LYS A 195 -5.57 -1.06 -22.79
N LEU A 196 -6.11 -2.21 -23.20
CA LEU A 196 -6.71 -3.15 -22.25
C LEU A 196 -5.69 -3.58 -21.20
N LEU A 197 -4.49 -3.96 -21.65
CA LEU A 197 -3.41 -4.37 -20.76
C LEU A 197 -2.97 -3.25 -19.82
N ASP A 198 -2.80 -2.04 -20.36
CA ASP A 198 -2.53 -0.84 -19.55
C ASP A 198 -3.58 -0.65 -18.45
N ASN A 199 -4.85 -0.77 -18.82
CA ASN A 199 -5.96 -0.58 -17.88
C ASN A 199 -6.04 -1.63 -16.77
N LEU A 200 -5.39 -2.78 -16.96
CA LEU A 200 -5.39 -3.84 -15.96
C LEU A 200 -4.61 -3.47 -14.70
N HIS A 201 -3.60 -2.62 -14.84
CA HIS A 201 -2.82 -2.13 -13.70
C HIS A 201 -3.72 -1.51 -12.62
N ASP A 202 -4.66 -0.69 -13.07
CA ASP A 202 -5.60 -0.01 -12.16
C ASP A 202 -6.58 -0.99 -11.50
N LEU A 203 -7.10 -1.92 -12.29
CA LEU A 203 -8.03 -2.93 -11.79
C LEU A 203 -7.36 -3.84 -10.76
N VAL A 204 -6.16 -4.31 -11.08
CA VAL A 204 -5.43 -5.23 -10.21
C VAL A 204 -4.97 -4.58 -8.89
N LYS A 205 -4.78 -3.26 -8.89
CA LYS A 205 -4.46 -2.54 -7.66
C LYS A 205 -5.54 -2.74 -6.60
N GLN A 206 -6.79 -2.66 -7.01
CA GLN A 206 -7.92 -2.84 -6.10
C GLN A 206 -8.07 -4.29 -5.65
N LEU A 207 -7.70 -5.22 -6.53
CA LEU A 207 -7.67 -6.65 -6.20
C LEU A 207 -6.53 -6.99 -5.25
N HIS A 208 -5.35 -6.40 -5.47
CA HIS A 208 -4.21 -6.54 -4.55
C HIS A 208 -4.55 -6.02 -3.14
N LEU A 209 -5.18 -4.86 -3.06
CA LEU A 209 -5.53 -4.26 -1.77
C LEU A 209 -6.51 -5.12 -0.98
N TYR A 210 -7.58 -5.55 -1.63
CA TYR A 210 -8.57 -6.43 -1.02
C TYR A 210 -7.93 -7.74 -0.53
N CYS A 211 -7.04 -8.29 -1.34
CA CYS A 211 -6.33 -9.52 -0.98
C CYS A 211 -5.47 -9.35 0.28
N LEU A 212 -4.63 -8.30 0.30
CA LEU A 212 -3.76 -8.04 1.45
C LEU A 212 -4.58 -7.79 2.71
N ASN A 213 -5.64 -7.00 2.61
CA ASN A 213 -6.54 -6.75 3.73
C ASN A 213 -7.11 -8.05 4.29
N THR A 214 -7.60 -8.90 3.38
CA THR A 214 -8.21 -10.18 3.77
C THR A 214 -7.16 -11.12 4.39
N PHE A 215 -5.94 -11.06 3.86
CA PHE A 215 -4.83 -11.85 4.37
C PHE A 215 -4.51 -11.46 5.82
N ILE A 216 -4.47 -10.15 6.07
CA ILE A 216 -4.22 -9.62 7.42
C ILE A 216 -5.30 -10.01 8.43
N GLN A 217 -6.57 -10.02 8.00
CA GLN A 217 -7.70 -10.36 8.87
C GLN A 217 -8.13 -11.83 8.74
N SER A 218 -7.31 -12.66 8.11
CA SER A 218 -7.71 -14.03 7.73
C SER A 218 -8.23 -14.87 8.91
N ARG A 219 -7.60 -14.72 10.07
CA ARG A 219 -8.01 -15.46 11.28
C ARG A 219 -9.43 -15.06 11.72
N ALA A 220 -9.69 -13.76 11.79
CA ALA A 220 -10.99 -13.23 12.20
C ALA A 220 -12.10 -13.56 11.19
N LEU A 221 -11.74 -13.58 9.90
CA LEU A 221 -12.69 -13.90 8.83
C LEU A 221 -12.88 -15.41 8.63
N SER A 222 -12.02 -16.22 9.24
CA SER A 222 -12.00 -17.68 9.08
C SER A 222 -11.75 -18.10 7.62
N VAL A 223 -10.81 -17.42 6.98
CA VAL A 223 -10.44 -17.70 5.58
C VAL A 223 -9.02 -18.28 5.55
N GLU A 224 -8.88 -19.48 4.99
N GLU A 224 -8.88 -19.48 4.99
CA GLU A 224 -7.58 -20.15 4.85
CA GLU A 224 -7.57 -20.14 4.89
C GLU A 224 -6.84 -19.63 3.63
C GLU A 224 -6.82 -19.70 3.63
N PHE A 225 -5.55 -19.35 3.79
CA PHE A 225 -4.66 -18.96 2.70
C PHE A 225 -3.56 -20.02 2.59
N PRO A 226 -3.59 -20.83 1.52
CA PRO A 226 -2.52 -21.81 1.26
C PRO A 226 -1.11 -21.18 1.21
N GLU A 227 -0.09 -22.02 1.41
CA GLU A 227 1.27 -21.55 1.69
C GLU A 227 1.97 -20.82 0.54
N MET A 228 1.81 -21.30 -0.69
CA MET A 228 2.58 -20.75 -1.82
C MET A 228 2.08 -19.35 -2.18
N MET A 229 0.75 -19.21 -2.29
CA MET A 229 0.16 -17.90 -2.55
C MET A 229 0.29 -16.94 -1.35
N SER A 230 0.34 -17.48 -0.12
CA SER A 230 0.64 -16.68 1.07
C SER A 230 2.01 -16.00 1.00
N GLU A 231 3.01 -16.70 0.45
CA GLU A 231 4.35 -16.17 0.28
C GLU A 231 4.37 -15.01 -0.72
N VAL A 232 3.59 -15.12 -1.79
CA VAL A 232 3.50 -14.05 -2.79
C VAL A 232 2.88 -12.80 -2.16
N ILE A 233 1.77 -13.01 -1.44
CA ILE A 233 1.07 -11.95 -0.74
C ILE A 233 1.96 -11.25 0.29
N ALA A 234 2.60 -12.04 1.15
CA ALA A 234 3.48 -11.51 2.19
C ALA A 234 4.72 -10.83 1.60
N ALA A 235 5.35 -11.49 0.63
CA ALA A 235 6.62 -11.00 0.09
C ALA A 235 6.48 -9.74 -0.77
N GLN A 236 5.42 -9.66 -1.57
CA GLN A 236 5.36 -8.67 -2.66
C GLN A 236 4.26 -7.62 -2.57
N LEU A 237 3.06 -8.00 -2.14
CA LEU A 237 1.91 -7.08 -2.24
C LEU A 237 2.06 -5.77 -1.47
N PRO A 238 2.61 -5.82 -0.23
CA PRO A 238 2.85 -4.54 0.46
C PRO A 238 3.68 -3.54 -0.36
N LYS A 239 4.79 -4.00 -0.96
CA LYS A 239 5.64 -3.07 -1.71
C LYS A 239 5.09 -2.73 -3.09
N ILE A 240 4.34 -3.66 -3.69
CA ILE A 240 3.63 -3.37 -4.93
C ILE A 240 2.60 -2.27 -4.70
N LEU A 241 1.79 -2.43 -3.65
CA LEU A 241 0.76 -1.45 -3.30
C LEU A 241 1.36 -0.10 -2.91
N ALA A 242 2.51 -0.12 -2.23
CA ALA A 242 3.24 1.09 -1.87
C ALA A 242 3.84 1.81 -3.08
N GLY A 243 3.79 1.18 -4.26
CA GLY A 243 4.29 1.78 -5.48
C GLY A 243 5.79 1.62 -5.66
N MET A 244 6.33 0.53 -5.10
CA MET A 244 7.78 0.27 -5.18
C MET A 244 8.11 -0.65 -6.35
N VAL A 245 7.32 -0.54 -7.41
CA VAL A 245 7.55 -1.26 -8.66
C VAL A 245 7.29 -0.31 -9.83
N LYS A 246 7.74 -0.70 -11.01
CA LYS A 246 7.58 0.09 -12.22
C LYS A 246 6.61 -0.62 -13.18
N PRO A 247 5.33 -0.19 -13.20
CA PRO A 247 4.41 -0.73 -14.19
C PRO A 247 4.79 -0.26 -15.60
N LEU A 248 4.79 -1.20 -16.56
CA LEU A 248 5.09 -0.85 -17.94
C LEU A 248 3.80 -0.52 -18.66
N LEU A 249 3.84 0.54 -19.47
CA LEU A 249 2.67 1.02 -20.20
C LEU A 249 2.97 1.13 -21.69
N PHE A 250 2.01 0.71 -22.50
CA PHE A 250 2.11 0.85 -23.96
C PHE A 250 1.76 2.25 -24.42
N HIS A 251 0.91 2.93 -23.64
CA HIS A 251 0.47 4.28 -23.97
C HIS A 251 0.66 5.21 -22.77
N LYS A 252 1.31 6.36 -23.01
CA LYS A 252 1.57 7.33 -21.96
C LYS A 252 0.33 8.17 -21.68
N LYS A 253 0.16 9.26 -22.24
N GLN B 2 -1.20 37.43 29.25
CA GLN B 2 0.17 37.20 28.72
C GLN B 2 0.16 37.09 27.19
N LEU B 3 1.33 36.82 26.61
CA LEU B 3 1.51 36.82 25.17
C LEU B 3 0.83 35.63 24.48
N ILE B 4 0.75 34.49 25.16
CA ILE B 4 0.33 33.24 24.52
C ILE B 4 -1.19 33.19 24.33
N PRO B 5 -1.65 32.98 23.07
CA PRO B 5 -3.08 32.80 22.80
C PRO B 5 -3.69 31.66 23.63
N PRO B 6 -4.96 31.79 24.03
CA PRO B 6 -5.60 30.82 24.91
C PRO B 6 -5.67 29.38 24.39
N LEU B 7 -5.99 29.20 23.11
CA LEU B 7 -6.09 27.84 22.56
C LEU B 7 -4.74 27.13 22.66
N ILE B 8 -3.66 27.87 22.48
CA ILE B 8 -2.30 27.34 22.60
C ILE B 8 -2.01 26.96 24.06
N ASN B 9 -2.33 27.84 25.00
CA ASN B 9 -2.22 27.52 26.43
C ASN B 9 -2.99 26.24 26.77
N LEU B 10 -4.19 26.11 26.21
CA LEU B 10 -5.01 24.91 26.42
C LEU B 10 -4.33 23.66 25.84
N LEU B 11 -3.78 23.78 24.64
CA LEU B 11 -3.05 22.68 24.00
C LEU B 11 -1.85 22.21 24.85
N MET B 12 -1.19 23.13 25.55
CA MET B 12 -0.07 22.75 26.42
CA MET B 12 -0.06 22.78 26.43
C MET B 12 -0.57 21.96 27.62
N SER B 13 -1.71 22.37 28.18
CA SER B 13 -2.27 21.73 29.37
C SER B 13 -2.80 20.32 29.15
N ILE B 14 -3.14 19.97 27.92
CA ILE B 14 -3.68 18.64 27.62
C ILE B 14 -2.62 17.72 26.99
N GLU B 15 -1.37 18.16 26.95
CA GLU B 15 -0.29 17.29 26.51
C GLU B 15 -0.18 16.07 27.41
N PRO B 16 0.08 14.89 26.82
CA PRO B 16 0.40 13.67 27.56
C PRO B 16 1.49 13.85 28.62
N ASP B 17 1.37 13.08 29.70
CA ASP B 17 2.46 12.92 30.66
C ASP B 17 3.59 12.13 30.00
N VAL B 18 4.70 11.97 30.71
CA VAL B 18 5.81 11.14 30.23
C VAL B 18 5.33 9.69 30.06
N ILE B 19 5.76 9.06 28.97
CA ILE B 19 5.42 7.67 28.69
C ILE B 19 6.70 6.84 28.54
N TYR B 20 6.81 5.80 29.37
CA TYR B 20 7.95 4.88 29.33
C TYR B 20 7.64 3.71 28.39
N ALA B 21 8.70 3.14 27.80
CA ALA B 21 8.57 1.98 26.92
C ALA B 21 8.54 0.67 27.70
N GLY B 22 9.00 0.69 28.96
CA GLY B 22 9.12 -0.51 29.77
C GLY B 22 10.26 -1.44 29.35
N HIS B 23 11.22 -0.90 28.61
CA HIS B 23 12.31 -1.72 28.04
C HIS B 23 13.36 -2.09 29.08
N ASP B 24 13.82 -3.35 29.00
CA ASP B 24 14.87 -3.88 29.87
C ASP B 24 16.25 -3.54 29.30
N ASN B 25 16.86 -2.49 29.84
CA ASN B 25 18.15 -1.99 29.38
C ASN B 25 19.35 -2.76 29.97
N THR B 26 19.07 -3.75 30.83
CA THR B 26 20.12 -4.58 31.41
C THR B 26 20.57 -5.70 30.47
N LYS B 27 19.76 -5.97 29.43
CA LYS B 27 20.09 -6.96 28.42
C LYS B 27 20.53 -6.27 27.12
N PRO B 28 21.42 -6.90 26.33
CA PRO B 28 21.81 -6.34 25.03
C PRO B 28 20.64 -6.30 24.03
N ASP B 29 20.67 -5.31 23.14
CA ASP B 29 19.62 -5.16 22.13
C ASP B 29 19.55 -6.36 21.20
N THR B 30 18.33 -6.72 20.83
CA THR B 30 18.09 -7.59 19.69
C THR B 30 16.99 -6.91 18.86
N SER B 31 16.83 -7.33 17.61
CA SER B 31 15.76 -6.80 16.75
C SER B 31 14.41 -7.03 17.41
N SER B 32 14.20 -8.24 17.92
CA SER B 32 12.95 -8.63 18.55
C SER B 32 12.61 -7.76 19.77
N SER B 33 13.58 -7.62 20.68
CA SER B 33 13.36 -6.90 21.94
C SER B 33 13.10 -5.40 21.72
N LEU B 34 13.89 -4.78 20.84
CA LEU B 34 13.73 -3.36 20.51
C LEU B 34 12.38 -3.07 19.88
N LEU B 35 12.05 -3.80 18.83
CA LEU B 35 10.77 -3.60 18.12
C LEU B 35 9.57 -3.97 19.00
N THR B 36 9.71 -4.99 19.84
CA THR B 36 8.65 -5.35 20.79
C THR B 36 8.44 -4.23 21.82
N SER B 37 9.53 -3.66 22.33
CA SER B 37 9.44 -2.52 23.25
C SER B 37 8.86 -1.29 22.56
N LEU B 38 9.22 -1.07 21.29
CA LEU B 38 8.69 0.05 20.52
C LEU B 38 7.19 -0.08 20.24
N ASN B 39 6.71 -1.31 20.09
CA ASN B 39 5.27 -1.58 19.96
C ASN B 39 4.52 -1.40 21.27
N GLN B 40 5.20 -1.70 22.39
CA GLN B 40 4.62 -1.52 23.72
C GLN B 40 4.49 -0.04 24.05
N LEU B 41 5.54 0.72 23.74
CA LEU B 41 5.49 2.18 23.82
C LEU B 41 4.41 2.74 22.89
N GLY B 42 4.37 2.22 21.66
CA GLY B 42 3.41 2.66 20.67
C GLY B 42 1.97 2.47 21.12
N GLU B 43 1.71 1.35 21.79
CA GLU B 43 0.39 1.07 22.35
C GLU B 43 0.01 2.13 23.39
N ARG B 44 0.97 2.46 24.25
CA ARG B 44 0.76 3.48 25.28
C ARG B 44 0.61 4.89 24.69
N GLN B 45 1.41 5.18 23.67
CA GLN B 45 1.29 6.45 22.95
C GLN B 45 -0.09 6.55 22.31
N LEU B 46 -0.48 5.51 21.57
CA LEU B 46 -1.79 5.45 20.91
C LEU B 46 -2.93 5.70 21.89
N LEU B 47 -2.84 5.06 23.06
CA LEU B 47 -3.82 5.24 24.14
C LEU B 47 -3.86 6.70 24.64
N SER B 48 -2.69 7.33 24.70
N SER B 48 -2.70 7.34 24.72
CA SER B 48 -2.56 8.71 25.14
CA SER B 48 -2.60 8.72 25.15
C SER B 48 -3.11 9.69 24.09
C SER B 48 -3.12 9.70 24.09
N VAL B 49 -2.96 9.36 22.82
CA VAL B 49 -3.54 10.13 21.72
C VAL B 49 -5.07 10.10 21.78
N VAL B 50 -5.62 8.94 22.10
CA VAL B 50 -7.07 8.81 22.22
C VAL B 50 -7.57 9.70 23.36
N LYS B 51 -6.93 9.58 24.53
CA LYS B 51 -7.25 10.43 25.68
C LYS B 51 -7.10 11.92 25.34
N TRP B 52 -5.97 12.26 24.71
CA TRP B 52 -5.68 13.62 24.26
C TRP B 52 -6.75 14.16 23.31
N SER B 53 -7.18 13.33 22.38
CA SER B 53 -8.18 13.72 21.38
C SER B 53 -9.54 14.07 21.99
N LYS B 54 -9.86 13.43 23.13
CA LYS B 54 -11.09 13.71 23.86
C LYS B 54 -11.11 15.12 24.46
N SER B 55 -9.92 15.63 24.80
CA SER B 55 -9.78 16.97 25.38
C SER B 55 -9.51 18.05 24.32
N LEU B 56 -9.23 17.62 23.10
CA LEU B 56 -8.82 18.51 22.02
C LEU B 56 -10.00 19.31 21.47
N PRO B 57 -10.01 20.65 21.66
CA PRO B 57 -11.15 21.47 21.20
C PRO B 57 -11.55 21.23 19.73
N GLY B 58 -12.82 20.88 19.53
CA GLY B 58 -13.38 20.65 18.20
C GLY B 58 -13.52 19.18 17.82
N PHE B 59 -12.59 18.35 18.27
CA PHE B 59 -12.48 16.98 17.78
C PHE B 59 -13.69 16.13 18.15
N ARG B 60 -14.12 16.22 19.41
CA ARG B 60 -15.25 15.43 19.91
C ARG B 60 -16.57 15.69 19.19
N ASN B 61 -16.67 16.83 18.51
CA ASN B 61 -17.90 17.20 17.80
C ASN B 61 -17.93 16.67 16.36
N LEU B 62 -16.85 16.02 15.94
CA LEU B 62 -16.84 15.24 14.71
C LEU B 62 -17.53 13.90 14.99
N HIS B 63 -18.14 13.32 13.96
CA HIS B 63 -18.73 11.99 14.06
C HIS B 63 -17.70 11.01 14.62
N ILE B 64 -18.14 10.08 15.47
CA ILE B 64 -17.22 9.12 16.10
C ILE B 64 -16.36 8.33 15.09
N ASP B 65 -16.94 8.00 13.94
CA ASP B 65 -16.21 7.31 12.87
C ASP B 65 -15.09 8.16 12.30
N ASP B 66 -15.34 9.47 12.18
CA ASP B 66 -14.32 10.41 11.70
C ASP B 66 -13.17 10.50 12.68
N GLN B 67 -13.51 10.49 13.98
CA GLN B 67 -12.51 10.55 15.04
C GLN B 67 -11.59 9.33 14.98
N ILE B 68 -12.19 8.16 14.85
CA ILE B 68 -11.43 6.90 14.75
C ILE B 68 -10.56 6.88 13.50
N THR B 69 -11.15 7.21 12.35
CA THR B 69 -10.42 7.24 11.08
C THR B 69 -9.19 8.15 11.16
N LEU B 70 -9.36 9.36 11.71
CA LEU B 70 -8.28 10.34 11.79
C LEU B 70 -7.16 9.87 12.72
N ILE B 71 -7.51 9.24 13.85
CA ILE B 71 -6.51 8.66 14.74
C ILE B 71 -5.76 7.51 14.04
N GLN B 72 -6.50 6.69 13.29
CA GLN B 72 -5.91 5.54 12.59
C GLN B 72 -5.00 5.95 11.42
N TYR B 73 -5.37 7.03 10.73
CA TYR B 73 -4.54 7.58 9.65
C TYR B 73 -3.24 8.22 10.15
N SER B 74 -3.33 8.97 11.26
CA SER B 74 -2.26 9.85 11.73
C SER B 74 -1.35 9.24 12.80
N TRP B 75 -1.70 8.05 13.29
CA TRP B 75 -0.98 7.41 14.41
C TRP B 75 0.56 7.46 14.28
N MET B 76 1.09 7.01 13.14
CA MET B 76 2.55 6.93 12.94
C MET B 76 3.19 8.31 12.86
N SER B 77 2.53 9.23 12.16
CA SER B 77 3.07 10.58 12.00
C SER B 77 3.09 11.33 13.33
N LEU B 78 2.05 11.17 14.15
CA LEU B 78 2.01 11.79 15.47
C LEU B 78 3.12 11.25 16.38
N MET B 79 3.34 9.94 16.33
CA MET B 79 4.41 9.32 17.13
C MET B 79 5.80 9.85 16.77
N VAL B 80 6.12 9.86 15.48
CA VAL B 80 7.43 10.30 15.01
C VAL B 80 7.65 11.81 15.20
N PHE B 81 6.56 12.59 15.11
CA PHE B 81 6.60 14.03 15.37
C PHE B 81 6.88 14.29 16.86
N GLY B 82 6.21 13.53 17.72
CA GLY B 82 6.46 13.59 19.16
C GLY B 82 7.85 13.12 19.53
N LEU B 83 8.34 12.08 18.86
CA LEU B 83 9.71 11.57 19.04
C LEU B 83 10.74 12.66 18.73
N GLY B 84 10.48 13.40 17.65
CA GLY B 84 11.34 14.52 17.25
C GLY B 84 11.37 15.61 18.30
N TRP B 85 10.20 15.94 18.85
CA TRP B 85 10.11 16.99 19.86
C TRP B 85 10.82 16.62 21.15
N ARG B 86 10.60 15.39 21.63
CA ARG B 86 11.30 14.89 22.82
C ARG B 86 12.81 14.82 22.62
N SER B 87 13.24 14.38 21.44
CA SER B 87 14.66 14.32 21.11
C SER B 87 15.28 15.71 21.14
N TYR B 88 14.61 16.64 20.48
CA TYR B 88 15.00 18.06 20.43
C TYR B 88 15.11 18.70 21.82
N LYS B 89 14.12 18.44 22.66
CA LYS B 89 14.02 19.10 23.97
C LYS B 89 14.89 18.50 25.08
N HIS B 90 15.12 17.18 25.04
CA HIS B 90 15.83 16.49 26.13
C HIS B 90 17.31 16.21 25.84
N VAL B 91 17.64 15.86 24.60
CA VAL B 91 19.01 15.51 24.23
C VAL B 91 19.52 16.32 23.02
N SER B 92 19.06 17.57 22.92
CA SER B 92 19.51 18.51 21.89
C SER B 92 19.31 18.00 20.46
N GLY B 93 18.39 17.06 20.29
CA GLY B 93 18.13 16.44 18.99
C GLY B 93 19.20 15.47 18.50
N GLN B 94 20.09 15.03 19.40
CA GLN B 94 21.26 14.23 18.99
C GLN B 94 21.23 12.76 19.46
N MET B 95 20.10 12.35 20.03
CA MET B 95 19.77 10.95 20.21
C MET B 95 18.28 10.83 19.90
N LEU B 96 17.81 9.61 19.69
CA LEU B 96 16.37 9.37 19.52
C LEU B 96 15.76 9.07 20.88
N TYR B 97 15.01 10.04 21.40
CA TYR B 97 14.41 9.95 22.73
C TYR B 97 12.99 9.39 22.61
N PHE B 98 12.89 8.07 22.39
CA PHE B 98 11.59 7.39 22.30
C PHE B 98 10.85 7.51 23.64
N ALA B 99 11.59 7.30 24.71
CA ALA B 99 11.08 7.39 26.07
C ALA B 99 12.25 7.61 27.03
N PRO B 100 11.97 7.94 28.31
CA PRO B 100 13.04 8.02 29.31
C PRO B 100 13.86 6.72 29.41
N ASP B 101 13.20 5.58 29.28
CA ASP B 101 13.87 4.27 29.39
C ASP B 101 14.22 3.64 28.03
N LEU B 102 14.08 4.41 26.94
CA LEU B 102 14.46 3.95 25.61
C LEU B 102 15.03 5.10 24.77
N ILE B 103 16.31 5.37 24.97
CA ILE B 103 17.04 6.41 24.25
C ILE B 103 18.12 5.79 23.37
N LEU B 104 18.08 6.10 22.08
CA LEU B 104 19.05 5.54 21.13
C LEU B 104 20.00 6.62 20.60
N ASN B 105 21.23 6.63 21.12
CA ASN B 105 22.30 7.41 20.48
C ASN B 105 22.67 6.74 19.16
N GLU B 106 23.48 7.40 18.33
CA GLU B 106 23.76 6.90 16.98
C GLU B 106 24.41 5.52 16.96
N GLN B 107 25.20 5.21 17.99
CA GLN B 107 25.84 3.89 18.08
C GLN B 107 24.81 2.78 18.29
N ARG B 108 23.81 3.06 19.14
CA ARG B 108 22.72 2.11 19.38
C ARG B 108 21.84 1.96 18.14
N MET B 109 21.67 3.04 17.38
CA MET B 109 20.96 3.03 16.10
C MET B 109 21.70 2.14 15.10
N LYS B 110 23.01 2.35 15.01
CA LYS B 110 23.90 1.57 14.13
C LYS B 110 23.79 0.07 14.38
N GLU B 111 23.79 -0.29 15.67
CA GLU B 111 23.77 -1.70 16.07
C GLU B 111 22.38 -2.33 15.99
N SER B 112 21.36 -1.52 15.73
CA SER B 112 20.02 -2.04 15.49
C SER B 112 19.94 -2.56 14.06
N SER B 113 18.86 -3.29 13.77
CA SER B 113 18.61 -3.83 12.44
C SER B 113 17.84 -2.86 11.55
N PHE B 114 17.62 -1.65 12.04
CA PHE B 114 16.87 -0.62 11.30
C PHE B 114 17.58 0.73 11.38
N TYR B 115 18.88 0.71 11.15
CA TYR B 115 19.70 1.93 11.22
C TYR B 115 19.21 2.99 10.23
N SER B 116 18.92 2.57 9.00
N SER B 116 18.92 2.57 9.00
CA SER B 116 18.45 3.51 7.96
CA SER B 116 18.44 3.47 7.95
C SER B 116 17.14 4.20 8.33
C SER B 116 17.15 4.20 8.35
N LEU B 117 16.24 3.47 8.99
CA LEU B 117 14.98 4.06 9.46
C LEU B 117 15.19 4.96 10.68
N CYS B 118 16.16 4.61 11.52
CA CYS B 118 16.58 5.48 12.62
C CYS B 118 17.06 6.82 12.07
N LEU B 119 17.88 6.79 11.02
CA LEU B 119 18.35 8.01 10.38
C LEU B 119 17.21 8.82 9.74
N THR B 120 16.21 8.12 9.20
CA THR B 120 15.05 8.78 8.60
C THR B 120 14.23 9.55 9.65
N MET B 121 13.91 8.89 10.76
CA MET B 121 13.21 9.52 11.87
C MET B 121 14.03 10.64 12.52
N TRP B 122 15.35 10.46 12.54
CA TRP B 122 16.29 11.39 13.16
C TRP B 122 16.37 12.73 12.40
N GLN B 123 15.93 12.75 11.15
CA GLN B 123 15.86 13.99 10.34
C GLN B 123 14.95 15.05 10.96
N ILE B 124 13.88 14.60 11.60
CA ILE B 124 12.86 15.51 12.15
C ILE B 124 13.40 16.43 13.27
N PRO B 125 14.01 15.85 14.33
CA PRO B 125 14.64 16.73 15.33
C PRO B 125 15.74 17.65 14.78
N GLN B 126 16.44 17.22 13.74
CA GLN B 126 17.45 18.09 13.11
C GLN B 126 16.79 19.29 12.44
N GLU B 127 15.59 19.11 11.89
CA GLU B 127 14.81 20.21 11.33
C GLU B 127 14.29 21.14 12.43
N PHE B 128 13.88 20.56 13.55
CA PHE B 128 13.47 21.36 14.72
C PHE B 128 14.63 22.21 15.22
N VAL B 129 15.81 21.62 15.32
CA VAL B 129 17.04 22.34 15.68
C VAL B 129 17.30 23.48 14.69
N LYS B 130 17.23 23.14 13.41
CA LYS B 130 17.53 24.08 12.32
C LYS B 130 16.57 25.27 12.31
N LEU B 131 15.28 24.99 12.42
CA LEU B 131 14.24 26.03 12.38
C LEU B 131 13.99 26.69 13.73
N GLN B 132 14.50 26.09 14.82
CA GLN B 132 14.19 26.51 16.18
C GLN B 132 12.69 26.57 16.41
N VAL B 133 12.02 25.44 16.20
CA VAL B 133 10.57 25.36 16.38
C VAL B 133 10.20 25.59 17.84
N SER B 134 9.22 26.48 18.06
CA SER B 134 8.77 26.79 19.41
C SER B 134 7.77 25.73 19.85
N GLN B 135 7.56 25.65 21.17
CA GLN B 135 6.54 24.76 21.71
C GLN B 135 5.14 25.15 21.25
N GLU B 136 4.91 26.44 21.03
CA GLU B 136 3.62 26.95 20.57
C GLU B 136 3.34 26.49 19.14
N GLU B 137 4.34 26.61 18.28
CA GLU B 137 4.23 26.14 16.89
C GLU B 137 4.10 24.63 16.83
N PHE B 138 4.89 23.93 17.65
CA PHE B 138 4.84 22.47 17.74
C PHE B 138 3.44 21.96 18.07
N LEU B 139 2.83 22.55 19.11
CA LEU B 139 1.50 22.13 19.56
C LEU B 139 0.42 22.29 18.49
N CYS B 140 0.50 23.37 17.72
CA CYS B 140 -0.44 23.61 16.62
C CYS B 140 -0.19 22.70 15.44
N MET B 141 1.09 22.49 15.10
CA MET B 141 1.49 21.60 14.01
C MET B 141 1.05 20.16 14.28
N LYS B 142 1.10 19.75 15.54
CA LYS B 142 0.73 18.40 15.94
C LYS B 142 -0.77 18.10 15.76
N VAL B 143 -1.62 19.09 16.08
CA VAL B 143 -3.05 18.97 15.80
C VAL B 143 -3.30 18.85 14.30
N LEU B 144 -2.57 19.64 13.50
CA LEU B 144 -2.73 19.59 12.04
C LEU B 144 -2.29 18.25 11.45
N LEU B 145 -1.32 17.58 12.06
CA LEU B 145 -0.94 16.22 11.64
C LEU B 145 -2.09 15.22 11.90
N LEU B 146 -2.82 15.41 13.00
CA LEU B 146 -4.02 14.60 13.27
C LEU B 146 -5.06 14.80 12.16
N LEU B 147 -5.11 16.00 11.59
CA LEU B 147 -6.11 16.38 10.60
C LEU B 147 -5.55 16.48 9.18
N ASN B 148 -4.49 15.72 8.87
CA ASN B 148 -3.77 15.90 7.60
C ASN B 148 -4.07 14.86 6.52
N THR B 149 -4.99 13.95 6.80
CA THR B 149 -5.43 12.95 5.83
C THR B 149 -6.91 12.66 6.07
N ILE B 150 -7.68 12.59 4.98
CA ILE B 150 -9.08 12.19 5.05
C ILE B 150 -9.36 11.10 4.03
N PRO B 151 -10.50 10.40 4.17
CA PRO B 151 -10.85 9.43 3.14
C PRO B 151 -11.11 10.09 1.80
N LEU B 152 -10.97 9.32 0.73
CA LEU B 152 -11.21 9.83 -0.63
C LEU B 152 -12.61 10.39 -0.78
N GLU B 153 -13.58 9.74 -0.13
CA GLU B 153 -14.98 10.16 -0.15
C GLU B 153 -15.32 11.23 0.90
N GLY B 154 -14.30 11.77 1.57
CA GLY B 154 -14.50 12.77 2.63
C GLY B 154 -14.98 12.16 3.93
N LEU B 155 -15.06 13.00 4.95
CA LEU B 155 -15.54 12.59 6.28
C LEU B 155 -17.05 12.78 6.37
N ARG B 156 -17.64 12.22 7.42
CA ARG B 156 -19.09 12.36 7.65
C ARG B 156 -19.40 13.77 8.11
N SER B 157 -18.57 14.30 9.01
CA SER B 157 -18.67 15.68 9.48
C SER B 157 -17.64 16.53 8.77
N GLN B 158 -17.67 16.52 7.43
CA GLN B 158 -16.65 17.18 6.61
C GLN B 158 -16.60 18.70 6.86
N THR B 159 -17.77 19.32 6.95
CA THR B 159 -17.86 20.76 7.21
C THR B 159 -17.26 21.13 8.58
N GLN B 160 -17.59 20.36 9.61
CA GLN B 160 -17.05 20.60 10.95
C GLN B 160 -15.54 20.33 11.00
N PHE B 161 -15.08 19.39 10.19
CA PHE B 161 -13.65 19.09 10.07
C PHE B 161 -12.87 20.22 9.40
N GLU B 162 -13.41 20.76 8.30
CA GLU B 162 -12.74 21.87 7.62
C GLU B 162 -12.63 23.08 8.53
N GLU B 163 -13.67 23.34 9.30
CA GLU B 163 -13.70 24.47 10.24
C GLU B 163 -12.74 24.25 11.40
N MET B 164 -12.62 23.02 11.89
CA MET B 164 -11.63 22.69 12.91
C MET B 164 -10.21 22.87 12.37
N ARG B 165 -9.93 22.25 11.23
CA ARG B 165 -8.61 22.34 10.59
C ARG B 165 -8.22 23.79 10.33
N SER B 166 -9.13 24.56 9.76
CA SER B 166 -8.91 25.98 9.49
C SER B 166 -8.60 26.78 10.76
N SER B 167 -9.30 26.49 11.85
CA SER B 167 -9.06 27.15 13.13
C SER B 167 -7.65 26.91 13.67
N TYR B 168 -7.14 25.69 13.52
CA TYR B 168 -5.78 25.36 13.96
C TYR B 168 -4.68 25.90 13.04
N ILE B 169 -4.99 26.03 11.75
CA ILE B 169 -4.09 26.72 10.83
C ILE B 169 -3.97 28.19 11.23
N ARG B 170 -5.10 28.82 11.54
CA ARG B 170 -5.12 30.20 12.03
C ARG B 170 -4.38 30.32 13.36
N GLU B 171 -4.46 29.27 14.18
CA GLU B 171 -3.75 29.24 15.47
C GLU B 171 -2.24 29.07 15.29
N LEU B 172 -1.84 28.30 14.27
CA LEU B 172 -0.43 28.16 13.93
C LEU B 172 0.15 29.52 13.54
N ILE B 173 -0.61 30.24 12.71
CA ILE B 173 -0.25 31.60 12.28
C ILE B 173 -0.04 32.53 13.48
N LYS B 174 -0.93 32.44 14.47
CA LYS B 174 -0.77 33.20 15.72
C LYS B 174 0.50 32.77 16.47
N ALA B 175 0.75 31.47 16.51
CA ALA B 175 1.95 30.91 17.15
C ALA B 175 3.23 31.46 16.53
N ILE B 176 3.25 31.55 15.20
CA ILE B 176 4.38 32.15 14.49
C ILE B 176 4.55 33.62 14.86
N GLY B 177 3.43 34.32 14.99
CA GLY B 177 3.44 35.75 15.33
C GLY B 177 4.02 36.13 16.68
N LEU B 178 4.10 35.17 17.60
CA LEU B 178 4.66 35.41 18.94
C LEU B 178 6.14 35.80 18.92
N ARG B 179 6.87 35.36 17.90
CA ARG B 179 8.31 35.63 17.79
C ARG B 179 8.64 36.31 16.48
N GLN B 180 8.22 35.70 15.37
CA GLN B 180 8.40 36.28 14.04
C GLN B 180 7.42 37.44 13.84
N LYS B 181 7.94 38.66 13.93
CA LYS B 181 7.09 39.85 13.93
C LYS B 181 6.81 40.36 12.51
N GLY B 182 7.87 40.47 11.70
CA GLY B 182 7.74 40.97 10.33
C GLY B 182 6.76 40.18 9.48
N VAL B 183 6.10 40.88 8.55
CA VAL B 183 5.09 40.23 7.71
C VAL B 183 5.73 39.26 6.70
N VAL B 184 6.89 39.63 6.15
CA VAL B 184 7.62 38.76 5.22
C VAL B 184 8.19 37.54 5.92
N SER B 185 8.77 37.76 7.09
CA SER B 185 9.34 36.69 7.90
C SER B 185 8.28 35.71 8.42
N SER B 186 7.13 36.24 8.84
N SER B 186 7.13 36.24 8.84
CA SER B 186 6.04 35.42 9.36
CA SER B 186 6.04 35.41 9.37
C SER B 186 5.39 34.56 8.27
C SER B 186 5.38 34.57 8.28
N SER B 187 5.19 35.15 7.10
CA SER B 187 4.59 34.43 5.96
C SER B 187 5.56 33.39 5.39
N GLN B 188 6.84 33.72 5.40
CA GLN B 188 7.90 32.79 5.02
C GLN B 188 7.95 31.60 5.99
N ARG B 189 7.86 31.90 7.28
CA ARG B 189 7.88 30.85 8.30
C ARG B 189 6.65 29.94 8.24
N PHE B 190 5.50 30.52 7.89
CA PHE B 190 4.29 29.73 7.69
C PHE B 190 4.53 28.72 6.57
N TYR B 191 5.18 29.15 5.50
CA TYR B 191 5.55 28.27 4.38
C TYR B 191 6.47 27.13 4.86
N GLN B 192 7.53 27.50 5.58
CA GLN B 192 8.53 26.54 6.07
C GLN B 192 7.91 25.44 6.94
N LEU B 193 7.13 25.85 7.94
CA LEU B 193 6.54 24.91 8.89
C LEU B 193 5.48 24.02 8.24
N THR B 194 4.68 24.61 7.35
CA THR B 194 3.64 23.86 6.64
C THR B 194 4.23 22.91 5.61
N LYS B 195 5.34 23.31 5.00
CA LYS B 195 6.09 22.47 4.06
C LYS B 195 6.76 21.30 4.80
N LEU B 196 7.25 21.57 6.01
CA LEU B 196 7.80 20.53 6.87
C LEU B 196 6.74 19.44 7.05
N LEU B 197 5.50 19.85 7.32
CA LEU B 197 4.38 18.92 7.49
C LEU B 197 4.04 18.15 6.22
N ASP B 198 4.08 18.83 5.07
CA ASP B 198 3.86 18.18 3.77
C ASP B 198 4.93 17.11 3.53
N ASN B 199 6.17 17.44 3.86
CA ASN B 199 7.31 16.52 3.67
C ASN B 199 7.27 15.28 4.57
N LEU B 200 6.53 15.36 5.68
N LEU B 200 6.52 15.37 5.67
CA LEU B 200 6.36 14.21 6.58
CA LEU B 200 6.36 14.23 6.58
C LEU B 200 5.56 13.07 5.93
C LEU B 200 5.52 13.10 5.97
N HIS B 201 4.73 13.39 4.93
CA HIS B 201 3.95 12.37 4.21
C HIS B 201 4.86 11.34 3.55
N ASP B 202 5.94 11.81 2.93
CA ASP B 202 6.89 10.94 2.23
C ASP B 202 7.77 10.17 3.21
N LEU B 203 8.09 10.80 4.33
CA LEU B 203 8.90 10.19 5.38
C LEU B 203 8.14 9.04 6.06
N VAL B 204 6.87 9.29 6.39
CA VAL B 204 6.01 8.31 7.05
C VAL B 204 5.66 7.11 6.16
N LYS B 205 5.65 7.30 4.84
CA LYS B 205 5.39 6.20 3.91
C LYS B 205 6.42 5.08 4.04
N GLN B 206 7.68 5.44 4.22
CA GLN B 206 8.75 4.46 4.45
C GLN B 206 8.55 3.71 5.77
N LEU B 207 8.13 4.45 6.81
CA LEU B 207 7.85 3.85 8.11
C LEU B 207 6.63 2.91 8.05
N HIS B 208 5.60 3.31 7.32
CA HIS B 208 4.41 2.47 7.13
C HIS B 208 4.73 1.13 6.48
N LEU B 209 5.53 1.16 5.41
CA LEU B 209 5.88 -0.07 4.69
C LEU B 209 6.65 -1.03 5.58
N TYR B 210 7.63 -0.50 6.32
CA TYR B 210 8.42 -1.28 7.26
C TYR B 210 7.52 -1.88 8.34
N CYS B 211 6.58 -1.07 8.84
CA CYS B 211 5.63 -1.51 9.86
C CYS B 211 4.73 -2.65 9.36
N LEU B 212 4.12 -2.46 8.20
CA LEU B 212 3.25 -3.48 7.62
C LEU B 212 4.00 -4.79 7.36
N ASN B 213 5.21 -4.70 6.82
CA ASN B 213 6.05 -5.88 6.60
C ASN B 213 6.38 -6.59 7.92
N THR B 214 6.74 -5.82 8.94
CA THR B 214 7.02 -6.36 10.27
C THR B 214 5.77 -7.02 10.86
N PHE B 215 4.61 -6.40 10.67
CA PHE B 215 3.35 -6.92 11.18
C PHE B 215 3.04 -8.29 10.56
N ILE B 216 3.06 -8.33 9.24
CA ILE B 216 2.88 -9.57 8.46
C ILE B 216 3.83 -10.69 8.93
N GLN B 217 5.08 -10.32 9.22
CA GLN B 217 6.12 -11.30 9.60
C GLN B 217 6.35 -11.41 11.11
N SER B 218 5.40 -10.91 11.91
CA SER B 218 5.58 -10.78 13.36
C SER B 218 5.90 -12.08 14.10
N ARG B 219 5.32 -13.19 13.67
CA ARG B 219 5.56 -14.49 14.31
C ARG B 219 7.00 -14.97 14.08
N ALA B 220 7.44 -14.89 12.83
CA ALA B 220 8.81 -15.28 12.46
C ALA B 220 9.85 -14.38 13.11
N LEU B 221 9.62 -13.07 13.05
CA LEU B 221 10.55 -12.08 13.62
C LEU B 221 10.48 -12.00 15.14
N SER B 222 9.48 -12.64 15.74
CA SER B 222 9.28 -12.63 17.20
C SER B 222 9.04 -11.22 17.73
N VAL B 223 8.18 -10.48 17.04
CA VAL B 223 7.82 -9.12 17.40
C VAL B 223 6.34 -9.10 17.79
N GLU B 224 6.06 -8.80 19.05
CA GLU B 224 4.69 -8.72 19.54
C GLU B 224 4.06 -7.39 19.17
N PHE B 225 2.80 -7.46 18.75
CA PHE B 225 2.00 -6.28 18.45
C PHE B 225 0.78 -6.27 19.37
N PRO B 226 0.71 -5.31 20.30
CA PRO B 226 -0.45 -5.19 21.19
C PRO B 226 -1.78 -4.94 20.45
N GLU B 227 -2.86 -4.97 21.22
CA GLU B 227 -4.22 -5.01 20.69
C GLU B 227 -4.57 -3.82 19.79
N MET B 228 -4.45 -2.62 20.34
CA MET B 228 -4.97 -1.44 19.66
C MET B 228 -4.16 -1.03 18.43
N MET B 229 -2.85 -1.25 18.46
CA MET B 229 -2.04 -0.93 17.28
C MET B 229 -2.11 -2.04 16.23
N SER B 230 -2.41 -3.26 16.66
CA SER B 230 -2.77 -4.33 15.72
C SER B 230 -4.02 -3.93 14.94
N GLU B 231 -5.00 -3.36 15.61
CA GLU B 231 -6.25 -2.97 14.96
C GLU B 231 -6.08 -1.75 14.06
N VAL B 232 -5.26 -0.80 14.50
CA VAL B 232 -4.95 0.37 13.69
C VAL B 232 -4.22 -0.04 12.40
N ILE B 233 -3.26 -0.95 12.51
CA ILE B 233 -2.53 -1.44 11.34
C ILE B 233 -3.46 -2.22 10.41
N ALA B 234 -4.20 -3.18 10.98
CA ALA B 234 -5.12 -3.99 10.20
C ALA B 234 -6.25 -3.16 9.58
N ALA B 235 -6.72 -2.16 10.31
CA ALA B 235 -7.84 -1.33 9.83
C ALA B 235 -7.48 -0.48 8.61
N GLN B 236 -6.29 0.13 8.59
CA GLN B 236 -5.99 1.17 7.60
C GLN B 236 -4.66 1.10 6.84
N LEU B 237 -3.64 0.40 7.35
CA LEU B 237 -2.28 0.54 6.78
C LEU B 237 -2.13 0.18 5.30
N PRO B 238 -2.68 -0.98 4.86
CA PRO B 238 -2.66 -1.33 3.44
C PRO B 238 -3.35 -0.30 2.55
N LYS B 239 -4.50 0.19 2.98
N LYS B 239 -4.51 0.18 2.98
CA LYS B 239 -5.26 1.22 2.26
CA LYS B 239 -5.26 1.22 2.28
C LYS B 239 -4.48 2.53 2.16
C LYS B 239 -4.44 2.51 2.15
N ILE B 240 -3.78 2.89 3.24
CA ILE B 240 -2.94 4.09 3.27
C ILE B 240 -1.75 3.95 2.32
N LEU B 241 -1.03 2.84 2.44
CA LEU B 241 0.13 2.58 1.57
C LEU B 241 -0.27 2.54 0.10
N ALA B 242 -1.44 1.98 -0.18
CA ALA B 242 -1.99 1.91 -1.55
C ALA B 242 -2.44 3.28 -2.08
N GLY B 243 -2.43 4.29 -1.22
CA GLY B 243 -2.82 5.65 -1.62
C GLY B 243 -4.32 5.81 -1.82
N MET B 244 -5.11 4.96 -1.19
CA MET B 244 -6.57 5.05 -1.27
C MET B 244 -7.13 5.88 -0.11
N VAL B 245 -6.42 6.97 0.19
CA VAL B 245 -6.85 8.00 1.12
C VAL B 245 -6.41 9.33 0.50
N LYS B 246 -6.88 10.43 1.07
CA LYS B 246 -6.53 11.76 0.55
C LYS B 246 -5.60 12.48 1.51
N PRO B 247 -4.28 12.46 1.22
CA PRO B 247 -3.39 13.31 2.00
C PRO B 247 -3.72 14.77 1.73
N LEU B 248 -3.75 15.58 2.78
CA LEU B 248 -3.97 17.01 2.61
C LEU B 248 -2.62 17.71 2.54
N LEU B 249 -2.48 18.61 1.56
CA LEU B 249 -1.25 19.36 1.36
C LEU B 249 -1.51 20.86 1.56
N PHE B 250 -0.50 21.54 2.06
CA PHE B 250 -0.52 23.00 2.20
C PHE B 250 0.01 23.69 0.92
N HIS B 251 0.87 23.00 0.18
CA HIS B 251 1.38 23.48 -1.11
C HIS B 251 1.26 22.41 -2.17
#